data_4MAS
#
_entry.id   4MAS
#
_cell.length_a   43.049
_cell.length_b   85.020
_cell.length_c   64.893
_cell.angle_alpha   90.00
_cell.angle_beta   90.00
_cell.angle_gamma   90.00
#
_symmetry.space_group_name_H-M   'P 21 21 2'
#
loop_
_entity.id
_entity.type
_entity.pdbx_description
1 polymer Transthyretin
2 non-polymer "3,5,3',5'-TETRACHLORO-BIPHENYL-4,4'-DIOL"
3 water water
#
_entity_poly.entity_id   1
_entity_poly.type   'polypeptide(L)'
_entity_poly.pdbx_seq_one_letter_code
;GPTGTGESKCPLMVKVLDAVRGSPAINVAVHVFRKAADDTWEPFASGKTSESGELHGLTTEEEFVEGIYKVEIDTKSYWK
ALGISPFHEHAEVVFTANDSGPRRYTIAALLSPYSYSTTAVVTNPKE
;
_entity_poly.pdbx_strand_id   A,B
#
loop_
_chem_comp.id
_chem_comp.type
_chem_comp.name
_chem_comp.formula
PCQ non-polymer 3,5,3',5'-TETRACHLORO-BIPHENYL-4,4'-DIOL 'C12 H6 Cl4 O2'
#
# COMPACT_ATOMS: atom_id res chain seq x y z
C CYS A 10 -19.70 6.31 5.59
N PRO A 11 -19.04 6.82 6.65
CA PRO A 11 -17.92 7.68 6.32
C PRO A 11 -16.71 6.94 5.79
N LEU A 12 -16.56 5.68 6.13
CA LEU A 12 -15.40 4.88 5.68
C LEU A 12 -15.87 3.49 5.34
N MET A 13 -15.64 3.07 4.10
N MET A 13 -15.65 3.06 4.10
CA MET A 13 -16.00 1.70 3.69
CA MET A 13 -15.99 1.70 3.68
C MET A 13 -14.76 1.14 2.97
C MET A 13 -14.76 1.15 2.97
N VAL A 14 -14.52 -0.13 3.16
CA VAL A 14 -13.43 -0.83 2.51
C VAL A 14 -14.03 -1.97 1.68
N LYS A 15 -13.60 -2.08 0.41
CA LYS A 15 -14.08 -3.11 -0.51
C LYS A 15 -12.89 -3.84 -1.10
N VAL A 16 -12.93 -5.17 -1.06
CA VAL A 16 -11.82 -5.98 -1.53
C VAL A 16 -12.35 -7.02 -2.52
N LEU A 17 -11.69 -7.10 -3.67
CA LEU A 17 -12.02 -8.01 -4.77
C LEU A 17 -10.84 -8.94 -5.03
N ASP A 18 -11.16 -10.13 -5.56
CA ASP A 18 -10.22 -11.18 -5.89
C ASP A 18 -10.11 -11.30 -7.41
N ALA A 19 -8.94 -10.98 -7.96
CA ALA A 19 -8.68 -10.99 -9.39
C ALA A 19 -8.40 -12.37 -9.97
N VAL A 20 -8.20 -13.37 -9.12
CA VAL A 20 -7.98 -14.74 -9.56
C VAL A 20 -9.30 -15.45 -9.82
N ARG A 21 -10.25 -15.27 -8.89
CA ARG A 21 -11.53 -15.92 -8.94
C ARG A 21 -12.63 -15.07 -9.54
N GLY A 22 -12.43 -13.79 -9.66
CA GLY A 22 -13.48 -12.93 -10.15
C GLY A 22 -14.64 -12.80 -9.19
N SER A 23 -14.32 -12.50 -7.95
CA SER A 23 -15.31 -12.57 -6.88
C SER A 23 -14.97 -11.53 -5.84
N PRO A 24 -15.90 -11.23 -4.94
CA PRO A 24 -15.50 -10.53 -3.73
C PRO A 24 -14.45 -11.33 -2.98
N ALA A 25 -13.59 -10.63 -2.24
CA ALA A 25 -12.65 -11.24 -1.30
C ALA A 25 -13.33 -11.23 0.05
N ILE A 26 -13.80 -12.39 0.48
CA ILE A 26 -14.61 -12.47 1.68
CA ILE A 26 -14.62 -12.58 1.65
C ILE A 26 -13.75 -12.86 2.88
N ASN A 27 -14.14 -12.34 4.05
CA ASN A 27 -13.47 -12.63 5.31
CA ASN A 27 -13.43 -12.68 5.30
C ASN A 27 -12.01 -12.15 5.32
N VAL A 28 -11.77 -11.02 4.68
CA VAL A 28 -10.47 -10.38 4.74
C VAL A 28 -10.44 -9.49 5.97
N ALA A 29 -9.42 -9.67 6.82
CA ALA A 29 -9.23 -8.81 7.98
C ALA A 29 -8.68 -7.47 7.56
N VAL A 30 -9.20 -6.40 8.15
CA VAL A 30 -8.83 -5.05 7.90
C VAL A 30 -8.63 -4.32 9.23
N HIS A 31 -7.49 -3.66 9.38
CA HIS A 31 -7.19 -2.85 10.56
C HIS A 31 -6.93 -1.42 10.16
N VAL A 32 -7.58 -0.48 10.83
CA VAL A 32 -7.42 0.93 10.57
C VAL A 32 -6.71 1.55 11.77
N PHE A 33 -5.73 2.40 11.47
CA PHE A 33 -4.98 3.17 12.45
C PHE A 33 -5.06 4.65 12.13
N ARG A 34 -4.83 5.49 13.16
CA ARG A 34 -4.76 6.92 13.02
C ARG A 34 -3.50 7.43 13.65
N LYS A 35 -2.81 8.30 12.98
N LYS A 35 -2.79 8.30 12.97
CA LYS A 35 -1.57 8.83 13.51
CA LYS A 35 -1.56 8.85 13.52
C LYS A 35 -1.86 9.77 14.71
C LYS A 35 -1.87 9.77 14.71
N ALA A 36 -1.24 9.49 15.85
CA ALA A 36 -1.39 10.30 17.06
C ALA A 36 -0.44 11.47 17.04
N ALA A 37 -0.60 12.35 18.05
CA ALA A 37 0.21 13.55 18.16
C ALA A 37 1.69 13.24 18.38
N ASP A 38 1.98 12.08 18.96
CA ASP A 38 3.36 11.61 19.14
C ASP A 38 3.90 10.83 17.96
N ASP A 39 3.16 10.82 16.86
CA ASP A 39 3.58 10.21 15.59
CA ASP A 39 3.62 10.21 15.60
C ASP A 39 3.51 8.68 15.59
N THR A 40 2.87 8.09 16.60
CA THR A 40 2.65 6.64 16.59
C THR A 40 1.33 6.34 15.89
N TRP A 41 1.16 5.09 15.43
CA TRP A 41 -0.08 4.64 14.83
C TRP A 41 -0.95 4.08 15.92
N GLU A 42 -2.09 4.70 16.16
CA GLU A 42 -3.03 4.29 17.17
CA GLU A 42 -3.01 4.24 17.17
C GLU A 42 -4.13 3.44 16.52
N PRO A 43 -4.50 2.30 17.14
CA PRO A 43 -5.65 1.56 16.63
C PRO A 43 -6.88 2.42 16.57
N PHE A 44 -7.60 2.36 15.46
CA PHE A 44 -8.76 3.17 15.24
C PHE A 44 -10.02 2.32 15.06
N ALA A 45 -9.94 1.29 14.22
CA ALA A 45 -11.03 0.42 14.08
C ALA A 45 -10.61 -0.80 13.24
N SER A 46 -11.37 -1.90 13.31
CA SER A 46 -11.05 -3.11 12.55
C SER A 46 -12.32 -3.90 12.25
N GLY A 47 -12.20 -4.82 11.31
CA GLY A 47 -13.32 -5.68 10.96
C GLY A 47 -12.93 -6.68 9.89
N LYS A 48 -13.91 -7.40 9.35
CA LYS A 48 -13.65 -8.31 8.25
C LYS A 48 -14.65 -8.11 7.12
N THR A 49 -14.19 -8.28 5.89
CA THR A 49 -15.09 -8.11 4.75
C THR A 49 -16.18 -9.18 4.79
N SER A 50 -17.37 -8.75 4.33
CA SER A 50 -18.54 -9.59 4.25
C SER A 50 -18.51 -10.43 2.97
N GLU A 51 -19.62 -11.15 2.76
CA GLU A 51 -19.88 -11.93 1.54
CA GLU A 51 -19.78 -11.95 1.55
C GLU A 51 -19.77 -11.10 0.26
N SER A 52 -20.02 -9.81 0.36
CA SER A 52 -19.95 -8.89 -0.79
C SER A 52 -18.56 -8.30 -0.98
N GLY A 53 -17.62 -8.65 -0.09
CA GLY A 53 -16.29 -8.06 -0.10
C GLY A 53 -16.22 -6.70 0.53
N GLU A 54 -17.27 -6.26 1.22
CA GLU A 54 -17.36 -4.93 1.80
C GLU A 54 -17.30 -5.00 3.31
N LEU A 55 -16.71 -3.94 3.86
CA LEU A 55 -16.65 -3.74 5.28
C LEU A 55 -17.18 -2.39 5.58
N HIS A 56 -18.33 -2.38 6.24
CA HIS A 56 -19.11 -1.22 6.64
C HIS A 56 -18.97 -1.12 8.19
N GLY A 57 -19.38 0.01 8.73
CA GLY A 57 -19.56 0.14 10.17
C GLY A 57 -18.28 0.36 10.95
N LEU A 58 -17.18 0.70 10.28
CA LEU A 58 -15.90 0.91 10.97
C LEU A 58 -15.95 2.10 11.91
N THR A 59 -16.60 3.18 11.50
CA THR A 59 -16.57 4.42 12.26
C THR A 59 -17.83 5.22 12.07
N THR A 60 -17.88 6.37 12.70
CA THR A 60 -19.02 7.30 12.66
C THR A 60 -18.48 8.62 12.19
N GLU A 61 -19.34 9.50 11.67
N GLU A 61 -19.38 9.46 11.68
CA GLU A 61 -18.87 10.83 11.29
CA GLU A 61 -19.02 10.83 11.35
C GLU A 61 -18.31 11.63 12.49
C GLU A 61 -18.27 11.51 12.50
N GLU A 62 -18.81 11.39 13.70
CA GLU A 62 -18.27 12.10 14.87
C GLU A 62 -16.85 11.63 15.21
N GLU A 63 -16.61 10.34 15.12
CA GLU A 63 -15.33 9.78 15.55
C GLU A 63 -14.26 9.98 14.49
N PHE A 64 -14.69 10.07 13.21
CA PHE A 64 -13.74 10.09 12.07
C PHE A 64 -13.33 11.53 11.81
N VAL A 65 -12.48 12.04 12.71
CA VAL A 65 -12.02 13.41 12.64
C VAL A 65 -10.90 13.52 11.62
N GLU A 66 -10.43 14.74 11.39
CA GLU A 66 -9.20 14.98 10.60
CA GLU A 66 -9.26 14.94 10.54
C GLU A 66 -8.10 14.14 11.10
N GLY A 67 -7.26 13.63 10.20
CA GLY A 67 -6.06 12.96 10.60
C GLY A 67 -5.44 12.21 9.44
N ILE A 68 -4.34 11.57 9.73
CA ILE A 68 -3.68 10.65 8.79
C ILE A 68 -4.06 9.24 9.22
N TYR A 69 -4.68 8.52 8.30
CA TYR A 69 -5.18 7.19 8.56
C TYR A 69 -4.42 6.15 7.71
N LYS A 70 -4.31 4.97 8.26
CA LYS A 70 -3.73 3.80 7.59
CA LYS A 70 -3.73 3.81 7.58
C LYS A 70 -4.76 2.69 7.61
N VAL A 71 -5.08 2.17 6.44
CA VAL A 71 -5.93 1.01 6.30
C VAL A 71 -5.06 -0.16 5.85
N GLU A 72 -4.93 -1.13 6.74
CA GLU A 72 -4.11 -2.32 6.51
CA GLU A 72 -4.11 -2.33 6.51
C GLU A 72 -5.03 -3.48 6.18
N ILE A 73 -4.85 -4.04 5.00
CA ILE A 73 -5.66 -5.15 4.49
C ILE A 73 -4.82 -6.41 4.54
N ASP A 74 -5.26 -7.40 5.27
CA ASP A 74 -4.46 -8.59 5.52
C ASP A 74 -4.55 -9.62 4.38
N THR A 75 -3.88 -9.26 3.30
CA THR A 75 -3.91 -10.01 2.07
C THR A 75 -3.22 -11.36 2.22
N LYS A 76 -2.14 -11.42 3.00
CA LYS A 76 -1.39 -12.69 3.06
C LYS A 76 -2.22 -13.83 3.65
N SER A 77 -2.93 -13.50 4.69
CA SER A 77 -3.75 -14.52 5.30
C SER A 77 -4.87 -15.02 4.30
N TYR A 78 -5.43 -14.04 3.61
CA TYR A 78 -6.42 -14.37 2.61
C TYR A 78 -5.91 -15.42 1.56
N TRP A 79 -4.76 -15.19 0.95
CA TRP A 79 -4.21 -16.07 -0.11
C TRP A 79 -3.77 -17.38 0.32
N LYS A 80 -3.17 -17.37 1.50
CA LYS A 80 -2.68 -18.63 2.06
C LYS A 80 -3.82 -19.62 2.27
N ALA A 81 -4.98 -19.12 2.66
CA ALA A 81 -6.16 -19.94 2.84
C ALA A 81 -6.75 -20.52 1.52
N LEU A 82 -6.31 -19.98 0.40
CA LEU A 82 -6.65 -20.51 -0.93
C LEU A 82 -5.58 -21.44 -1.51
N GLY A 83 -4.51 -21.64 -0.76
CA GLY A 83 -3.36 -22.48 -1.19
C GLY A 83 -2.34 -21.74 -2.03
N ILE A 84 -2.31 -20.40 -1.96
CA ILE A 84 -1.41 -19.57 -2.69
C ILE A 84 -0.51 -18.95 -1.65
N SER A 85 0.76 -19.00 -1.96
CA SER A 85 1.74 -18.38 -1.11
C SER A 85 2.02 -17.06 -1.80
N PRO A 86 1.49 -15.94 -1.25
CA PRO A 86 1.54 -14.67 -1.96
C PRO A 86 2.82 -13.88 -1.67
N PHE A 87 3.00 -12.81 -2.41
CA PHE A 87 4.20 -12.01 -2.30
C PHE A 87 4.17 -11.04 -1.12
N HIS A 88 3.08 -10.33 -0.95
CA HIS A 88 3.03 -9.25 0.01
C HIS A 88 2.61 -9.70 1.39
N GLU A 89 3.07 -8.99 2.42
CA GLU A 89 2.60 -9.25 3.81
C GLU A 89 1.19 -8.75 4.00
N HIS A 90 0.87 -7.63 3.41
CA HIS A 90 -0.42 -6.94 3.54
C HIS A 90 -0.41 -5.87 2.51
N ALA A 91 -1.55 -5.20 2.29
CA ALA A 91 -1.66 -4.03 1.50
C ALA A 91 -2.04 -2.91 2.44
N GLU A 92 -1.28 -1.83 2.48
CA GLU A 92 -1.54 -0.67 3.36
C GLU A 92 -1.83 0.55 2.49
N VAL A 93 -2.83 1.28 2.91
CA VAL A 93 -3.29 2.49 2.24
C VAL A 93 -3.21 3.62 3.28
N VAL A 94 -2.42 4.65 3.02
CA VAL A 94 -2.18 5.75 3.98
C VAL A 94 -2.61 7.05 3.34
N PHE A 95 -3.44 7.81 4.04
CA PHE A 95 -4.04 9.01 3.49
C PHE A 95 -4.47 9.98 4.57
N THR A 96 -4.47 11.27 4.26
CA THR A 96 -5.09 12.29 5.08
C THR A 96 -6.59 12.29 4.80
N ALA A 97 -7.41 12.34 5.84
CA ALA A 97 -8.87 12.36 5.70
C ALA A 97 -9.45 13.57 6.40
N ASN A 98 -10.52 14.11 5.83
CA ASN A 98 -11.40 15.10 6.47
C ASN A 98 -10.72 16.41 6.72
N ASP A 99 -9.66 16.72 5.99
CA ASP A 99 -8.96 17.96 6.28
C ASP A 99 -9.66 19.22 5.70
N SER A 100 -10.65 19.05 4.83
CA SER A 100 -11.49 20.11 4.34
C SER A 100 -12.95 19.87 4.74
N GLY A 101 -13.14 19.25 5.89
CA GLY A 101 -14.42 18.90 6.37
C GLY A 101 -14.74 17.46 6.03
N PRO A 102 -15.86 16.98 6.54
CA PRO A 102 -16.16 15.57 6.44
C PRO A 102 -16.34 15.15 4.98
N ARG A 103 -15.80 14.00 4.66
CA ARG A 103 -16.04 13.34 3.38
C ARG A 103 -16.35 11.88 3.63
N ARG A 104 -16.91 11.22 2.63
CA ARG A 104 -17.12 9.79 2.64
C ARG A 104 -16.05 9.14 1.77
N TYR A 105 -15.42 8.10 2.30
CA TYR A 105 -14.29 7.44 1.67
C TYR A 105 -14.60 5.97 1.46
N THR A 106 -14.42 5.53 0.22
CA THR A 106 -14.35 4.11 -0.09
C THR A 106 -12.92 3.78 -0.49
N ILE A 107 -12.30 2.86 0.21
CA ILE A 107 -10.98 2.35 -0.11
C ILE A 107 -11.19 0.98 -0.73
N ALA A 108 -10.81 0.83 -2.00
CA ALA A 108 -11.01 -0.41 -2.72
C ALA A 108 -9.65 -1.01 -3.05
N ALA A 109 -9.59 -2.34 -3.03
CA ALA A 109 -8.39 -3.08 -3.41
C ALA A 109 -8.79 -4.28 -4.26
N LEU A 110 -8.02 -4.53 -5.29
CA LEU A 110 -8.17 -5.67 -6.22
C LEU A 110 -6.93 -6.52 -6.12
N LEU A 111 -7.08 -7.75 -5.63
CA LEU A 111 -5.94 -8.54 -5.19
C LEU A 111 -5.58 -9.68 -6.14
N SER A 112 -4.28 -9.83 -6.39
CA SER A 112 -3.69 -11.00 -6.99
C SER A 112 -2.56 -11.50 -6.11
N PRO A 113 -2.06 -12.72 -6.35
CA PRO A 113 -1.02 -13.20 -5.43
C PRO A 113 0.27 -12.39 -5.39
N TYR A 114 0.68 -11.83 -6.51
CA TYR A 114 1.90 -11.04 -6.61
C TYR A 114 1.69 -9.55 -6.93
N SER A 115 0.42 -9.07 -6.83
CA SER A 115 0.11 -7.73 -7.22
CA SER A 115 0.11 -7.70 -7.20
C SER A 115 -1.17 -7.28 -6.53
N TYR A 116 -1.35 -5.99 -6.41
CA TYR A 116 -2.66 -5.44 -6.09
C TYR A 116 -2.78 -4.04 -6.67
N SER A 117 -4.03 -3.65 -6.92
N SER A 117 -4.03 -3.65 -6.94
N SER A 117 -4.03 -3.65 -6.88
CA SER A 117 -4.39 -2.29 -7.22
CA SER A 117 -4.35 -2.27 -7.21
CA SER A 117 -4.44 -2.32 -7.26
C SER A 117 -5.25 -1.75 -6.09
C SER A 117 -5.24 -1.75 -6.10
C SER A 117 -5.26 -1.75 -6.11
N THR A 118 -5.14 -0.46 -5.85
CA THR A 118 -5.98 0.18 -4.85
C THR A 118 -6.38 1.55 -5.35
N THR A 119 -7.60 1.97 -5.03
CA THR A 119 -8.10 3.27 -5.39
C THR A 119 -8.97 3.80 -4.26
N ALA A 120 -9.28 5.05 -4.34
CA ALA A 120 -10.18 5.70 -3.40
C ALA A 120 -11.29 6.38 -4.16
N VAL A 121 -12.48 6.29 -3.62
CA VAL A 121 -13.64 7.04 -4.10
C VAL A 121 -14.05 7.97 -2.96
N VAL A 122 -13.92 9.26 -3.17
CA VAL A 122 -14.15 10.26 -2.11
C VAL A 122 -15.31 11.13 -2.56
N THR A 123 -16.36 11.19 -1.73
CA THR A 123 -17.53 11.98 -2.03
C THR A 123 -17.82 12.94 -0.89
N ASN A 124 -18.55 13.99 -1.22
CA ASN A 124 -18.88 15.02 -0.30
C ASN A 124 -20.37 14.90 0.00
N PRO A 125 -20.74 14.59 1.25
CA PRO A 125 -22.17 14.43 1.59
C PRO A 125 -23.00 15.73 1.53
N LYS A 126 -22.38 16.86 1.19
CA LYS A 126 -23.15 18.12 1.00
C LYS A 126 -22.80 19.12 2.09
C CYS B 10 20.35 -7.11 -7.84
N PRO B 11 20.10 -7.57 -6.61
CA PRO B 11 18.97 -8.41 -6.35
C PRO B 11 17.66 -7.64 -6.22
N LEU B 12 17.69 -6.32 -6.10
CA LEU B 12 16.48 -5.49 -5.89
C LEU B 12 16.50 -4.26 -6.79
N MET B 13 15.41 -4.07 -7.54
CA MET B 13 15.22 -2.90 -8.37
C MET B 13 13.79 -2.42 -8.13
N VAL B 14 13.63 -1.13 -8.13
CA VAL B 14 12.32 -0.49 -8.00
C VAL B 14 12.07 0.33 -9.25
N LYS B 15 10.86 0.20 -9.82
CA LYS B 15 10.51 0.89 -11.04
C LYS B 15 9.16 1.58 -10.80
N VAL B 16 9.06 2.85 -11.14
CA VAL B 16 7.88 3.67 -10.92
C VAL B 16 7.44 4.33 -12.21
N LEU B 17 6.16 4.19 -12.52
CA LEU B 17 5.56 4.69 -13.73
C LEU B 17 4.41 5.64 -13.40
N ASP B 18 4.16 6.59 -14.32
CA ASP B 18 3.11 7.63 -14.18
C ASP B 18 2.02 7.33 -15.21
N ALA B 19 0.82 7.04 -14.70
CA ALA B 19 -0.36 6.68 -15.50
C ALA B 19 -1.10 7.93 -16.02
N VAL B 20 -0.78 9.12 -15.56
CA VAL B 20 -1.38 10.37 -16.03
C VAL B 20 -0.68 10.88 -17.31
N ARG B 21 0.64 10.81 -17.30
CA ARG B 21 1.45 11.28 -18.43
C ARG B 21 1.96 10.16 -19.31
N GLY B 22 1.85 8.92 -18.89
CA GLY B 22 2.34 7.82 -19.70
C GLY B 22 3.86 7.79 -19.82
N SER B 23 4.53 7.83 -18.69
CA SER B 23 5.95 8.09 -18.65
C SER B 23 6.56 7.41 -17.46
N PRO B 24 7.85 7.24 -17.46
CA PRO B 24 8.49 6.97 -16.16
C PRO B 24 8.18 8.07 -15.16
N ALA B 25 8.14 7.71 -13.89
CA ALA B 25 8.06 8.69 -12.79
C ALA B 25 9.48 8.96 -12.34
N ILE B 26 10.00 10.14 -12.71
CA ILE B 26 11.39 10.51 -12.55
C ILE B 26 11.59 11.29 -11.26
N ASN B 27 12.72 11.06 -10.58
CA ASN B 27 13.07 11.82 -9.37
CA ASN B 27 13.09 11.78 -9.36
C ASN B 27 12.13 11.55 -8.21
N VAL B 28 11.60 10.34 -8.12
CA VAL B 28 10.74 9.91 -7.01
C VAL B 28 11.64 9.35 -5.92
N ALA B 29 11.45 9.83 -4.68
CA ALA B 29 12.22 9.28 -3.54
C ALA B 29 11.66 7.92 -3.15
N VAL B 30 12.57 6.98 -2.92
CA VAL B 30 12.27 5.64 -2.54
C VAL B 30 13.13 5.27 -1.34
N HIS B 31 12.50 4.78 -0.27
CA HIS B 31 13.18 4.34 0.91
C HIS B 31 12.87 2.88 1.14
N VAL B 32 13.88 2.07 1.40
CA VAL B 32 13.76 0.68 1.73
C VAL B 32 14.15 0.48 3.18
N PHE B 33 13.37 -0.35 3.87
CA PHE B 33 13.55 -0.68 5.29
C PHE B 33 13.56 -2.19 5.44
N ARG B 34 14.25 -2.65 6.47
CA ARG B 34 14.24 -4.06 6.85
CA ARG B 34 14.13 -4.05 6.83
C ARG B 34 13.63 -4.15 8.25
N LYS B 35 12.75 -5.11 8.46
CA LYS B 35 12.12 -5.30 9.77
C LYS B 35 13.16 -5.89 10.73
N ALA B 36 13.33 -5.22 11.87
CA ALA B 36 14.26 -5.62 12.93
C ALA B 36 13.60 -6.63 13.85
N ALA B 37 14.41 -7.19 14.73
CA ALA B 37 13.96 -8.21 15.70
C ALA B 37 12.87 -7.70 16.64
N ASP B 38 12.91 -6.41 16.96
CA ASP B 38 11.91 -5.77 17.82
C ASP B 38 10.69 -5.23 17.05
N ASP B 39 10.58 -5.58 15.76
CA ASP B 39 9.43 -5.23 14.89
C ASP B 39 9.44 -3.79 14.42
N THR B 40 10.52 -3.06 14.65
CA THR B 40 10.66 -1.72 14.10
C THR B 40 11.26 -1.84 12.68
N TRP B 41 11.13 -0.78 11.89
CA TRP B 41 11.67 -0.70 10.53
C TRP B 41 12.99 0.00 10.58
N GLU B 42 14.07 -0.70 10.21
CA GLU B 42 15.37 -0.05 10.14
C GLU B 42 15.70 0.35 8.73
N PRO B 43 16.19 1.57 8.55
CA PRO B 43 16.63 1.98 7.23
C PRO B 43 17.61 1.00 6.60
N PHE B 44 17.43 0.72 5.32
CA PHE B 44 18.20 -0.27 4.60
C PHE B 44 18.92 0.32 3.37
N ALA B 45 18.18 1.05 2.54
CA ALA B 45 18.64 1.63 1.21
C ALA B 45 17.69 2.69 0.81
N SER B 46 18.16 3.66 0.03
CA SER B 46 17.28 4.64 -0.55
C SER B 46 17.89 5.27 -1.77
N GLY B 47 17.07 6.00 -2.51
CA GLY B 47 17.56 6.72 -3.70
C GLY B 47 16.39 7.44 -4.35
N LYS B 48 16.65 7.99 -5.53
CA LYS B 48 15.62 8.64 -6.34
C LYS B 48 15.58 8.00 -7.70
N THR B 49 14.40 7.76 -8.24
CA THR B 49 14.31 7.12 -9.55
C THR B 49 15.01 7.99 -10.60
N SER B 50 15.57 7.27 -11.57
CA SER B 50 16.28 7.82 -12.70
C SER B 50 15.30 8.30 -13.76
N GLU B 51 15.85 8.80 -14.88
CA GLU B 51 15.05 9.20 -16.05
C GLU B 51 14.22 8.05 -16.61
N SER B 52 14.62 6.80 -16.35
CA SER B 52 13.83 5.67 -16.80
C SER B 52 12.78 5.23 -15.81
N GLY B 53 12.70 5.91 -14.67
CA GLY B 53 11.77 5.55 -13.63
C GLY B 53 12.31 4.45 -12.74
N GLU B 54 13.58 4.11 -12.91
CA GLU B 54 14.18 2.97 -12.20
C GLU B 54 15.20 3.38 -11.16
N LEU B 55 15.29 2.56 -10.14
CA LEU B 55 16.25 2.74 -9.11
C LEU B 55 16.97 1.44 -8.94
N HIS B 56 18.23 1.48 -9.36
CA HIS B 56 19.15 0.36 -9.34
C HIS B 56 20.17 0.61 -8.23
N GLY B 57 20.88 -0.43 -7.86
CA GLY B 57 22.04 -0.26 -6.99
C GLY B 57 21.69 -0.12 -5.52
N LEU B 58 20.50 -0.53 -5.13
CA LEU B 58 20.07 -0.34 -3.76
C LEU B 58 20.86 -1.22 -2.80
N THR B 59 21.13 -2.46 -3.21
CA THR B 59 21.76 -3.42 -2.31
C THR B 59 22.61 -4.39 -3.10
N THR B 60 23.22 -5.32 -2.37
CA THR B 60 24.02 -6.37 -2.94
C THR B 60 23.44 -7.70 -2.51
N GLU B 61 23.80 -8.77 -3.21
CA GLU B 61 23.36 -10.10 -2.79
C GLU B 61 23.79 -10.42 -1.37
N GLU B 62 24.99 -9.99 -0.96
CA GLU B 62 25.42 -10.30 0.38
C GLU B 62 24.54 -9.70 1.47
N GLU B 63 24.13 -8.47 1.27
CA GLU B 63 23.42 -7.70 2.26
C GLU B 63 21.91 -8.04 2.28
N PHE B 64 21.35 -8.50 1.14
CA PHE B 64 19.92 -8.70 0.96
C PHE B 64 19.53 -10.11 1.38
N VAL B 65 19.60 -10.32 2.68
CA VAL B 65 19.30 -11.61 3.31
C VAL B 65 17.81 -11.77 3.46
N GLU B 66 17.37 -12.99 3.73
CA GLU B 66 15.95 -13.24 3.96
C GLU B 66 15.45 -12.36 5.09
N GLY B 67 14.21 -11.95 4.96
CA GLY B 67 13.58 -11.09 5.95
C GLY B 67 12.40 -10.37 5.32
N ILE B 68 11.76 -9.54 6.11
CA ILE B 68 10.67 -8.72 5.67
C ILE B 68 11.23 -7.33 5.38
N TYR B 69 10.90 -6.84 4.17
CA TYR B 69 11.33 -5.55 3.70
C TYR B 69 10.12 -4.68 3.38
N LYS B 70 10.28 -3.38 3.50
CA LYS B 70 9.29 -2.38 3.10
CA LYS B 70 9.30 -2.37 3.11
C LYS B 70 9.93 -1.41 2.12
N VAL B 71 9.27 -1.19 0.99
CA VAL B 71 9.64 -0.20 0.02
C VAL B 71 8.60 0.90 0.12
N GLU B 72 9.04 2.11 0.47
CA GLU B 72 8.19 3.28 0.59
C GLU B 72 8.51 4.22 -0.58
N ILE B 73 7.50 4.57 -1.35
CA ILE B 73 7.63 5.41 -2.54
C ILE B 73 6.94 6.73 -2.21
N ASP B 74 7.67 7.83 -2.36
N ASP B 74 7.64 7.86 -2.28
CA ASP B 74 7.16 9.16 -2.02
CA ASP B 74 7.03 9.13 -1.87
C ASP B 74 6.29 9.71 -3.15
C ASP B 74 6.23 9.77 -2.99
N THR B 75 5.07 9.17 -3.24
CA THR B 75 4.14 9.57 -4.26
C THR B 75 3.59 10.96 -4.10
N LYS B 76 3.40 11.37 -2.81
CA LYS B 76 2.76 12.67 -2.57
C LYS B 76 3.63 13.79 -3.11
N SER B 77 4.93 13.72 -2.87
CA SER B 77 5.83 14.78 -3.38
C SER B 77 5.89 14.81 -4.89
N TYR B 78 5.80 13.63 -5.48
CA TYR B 78 5.80 13.50 -6.94
C TYR B 78 4.62 14.26 -7.56
N TRP B 79 3.40 14.00 -7.05
CA TRP B 79 2.25 14.68 -7.57
C TRP B 79 2.29 16.15 -7.28
N LYS B 80 2.65 16.53 -6.07
CA LYS B 80 2.71 17.94 -5.72
C LYS B 80 3.69 18.70 -6.66
N ALA B 81 4.79 18.09 -7.06
CA ALA B 81 5.76 18.76 -7.93
C ALA B 81 5.18 18.99 -9.35
N LEU B 82 4.19 18.19 -9.72
CA LEU B 82 3.44 18.32 -10.95
C LEU B 82 2.21 19.20 -10.81
N GLY B 83 2.00 19.72 -9.61
CA GLY B 83 0.88 20.59 -9.34
C GLY B 83 -0.45 19.89 -9.31
N ILE B 84 -0.42 18.61 -8.95
CA ILE B 84 -1.57 17.76 -8.93
C ILE B 84 -1.87 17.29 -7.48
N SER B 85 -3.14 17.33 -7.05
CA SER B 85 -3.52 16.98 -5.69
C SER B 85 -3.71 15.47 -5.55
N PRO B 86 -2.88 14.82 -4.70
CA PRO B 86 -3.00 13.38 -4.60
C PRO B 86 -3.72 12.89 -3.36
N PHE B 87 -4.10 11.63 -3.34
CA PHE B 87 -4.83 11.06 -2.22
C PHE B 87 -3.89 10.52 -1.16
N HIS B 88 -2.92 9.73 -1.54
CA HIS B 88 -2.11 8.96 -0.61
C HIS B 88 -0.95 9.77 -0.05
N GLU B 89 -0.55 9.46 1.16
CA GLU B 89 0.71 10.01 1.74
C GLU B 89 1.93 9.46 1.07
N HIS B 90 1.89 8.20 0.71
CA HIS B 90 2.97 7.46 0.07
C HIS B 90 2.39 6.14 -0.36
N ALA B 91 3.15 5.36 -1.13
CA ALA B 91 2.81 3.98 -1.44
C ALA B 91 3.82 3.09 -0.77
N GLU B 92 3.39 2.11 -0.02
CA GLU B 92 4.28 1.19 0.70
C GLU B 92 4.04 -0.22 0.20
N VAL B 93 5.11 -0.94 -0.03
CA VAL B 93 5.07 -2.32 -0.48
C VAL B 93 5.87 -3.13 0.54
N VAL B 94 5.23 -4.12 1.17
CA VAL B 94 5.85 -4.91 2.24
C VAL B 94 5.83 -6.38 1.84
N PHE B 95 6.97 -7.04 1.87
CA PHE B 95 7.11 -8.39 1.37
C PHE B 95 8.21 -9.12 2.09
N THR B 96 8.20 -10.44 1.97
CA THR B 96 9.31 -11.28 2.48
C THR B 96 10.23 -11.67 1.33
N ALA B 97 11.53 -11.47 1.53
CA ALA B 97 12.59 -12.00 0.67
C ALA B 97 12.82 -13.47 1.10
N ASN B 98 12.83 -14.37 0.14
CA ASN B 98 12.88 -15.81 0.36
CA ASN B 98 12.91 -15.82 0.39
C ASN B 98 13.98 -16.43 -0.50
N ASP B 99 14.93 -17.12 0.11
CA ASP B 99 16.02 -17.72 -0.66
C ASP B 99 15.64 -18.89 -1.56
N SER B 100 14.52 -19.52 -1.24
CA SER B 100 14.07 -20.65 -2.03
C SER B 100 13.49 -20.20 -3.37
N GLY B 101 13.05 -18.95 -3.45
CA GLY B 101 12.47 -18.42 -4.69
C GLY B 101 13.54 -17.89 -5.61
N PRO B 102 13.12 -17.28 -6.72
CA PRO B 102 14.10 -16.69 -7.61
C PRO B 102 14.81 -15.48 -6.96
N ARG B 103 15.98 -15.15 -7.50
CA ARG B 103 16.97 -14.34 -6.83
C ARG B 103 16.84 -12.85 -7.09
N ARG B 104 16.16 -12.45 -8.16
CA ARG B 104 16.10 -11.04 -8.51
C ARG B 104 14.66 -10.57 -8.33
N TYR B 105 14.53 -9.40 -7.69
CA TYR B 105 13.24 -8.82 -7.40
C TYR B 105 13.13 -7.46 -8.04
N THR B 106 12.10 -7.28 -8.86
CA THR B 106 11.68 -5.95 -9.32
C THR B 106 10.37 -5.67 -8.63
N ILE B 107 10.30 -4.55 -7.92
CA ILE B 107 9.07 -3.99 -7.36
C ILE B 107 8.67 -2.83 -8.27
N ALA B 108 7.50 -2.96 -8.92
CA ALA B 108 7.03 -1.95 -9.84
C ALA B 108 5.78 -1.29 -9.26
N ALA B 109 5.60 -0.03 -9.53
CA ALA B 109 4.41 0.70 -9.12
C ALA B 109 4.00 1.59 -10.28
N LEU B 110 2.69 1.62 -10.55
CA LEU B 110 2.06 2.43 -11.58
C LEU B 110 1.16 3.42 -10.86
N LEU B 111 1.47 4.69 -10.93
CA LEU B 111 0.85 5.71 -10.09
C LEU B 111 -0.18 6.55 -10.83
N SER B 112 -1.31 6.79 -10.12
CA SER B 112 -2.28 7.80 -10.46
C SER B 112 -2.53 8.67 -9.21
N PRO B 113 -3.19 9.82 -9.35
CA PRO B 113 -3.35 10.68 -8.16
C PRO B 113 -4.13 10.03 -7.04
N TYR B 114 -5.16 9.26 -7.34
CA TYR B 114 -6.03 8.61 -6.36
C TYR B 114 -5.95 7.08 -6.33
N SER B 115 -4.95 6.52 -7.01
N SER B 115 -4.90 6.53 -6.95
N SER B 115 -4.95 6.52 -7.01
CA SER B 115 -4.81 5.07 -7.09
CA SER B 115 -4.81 5.11 -7.12
CA SER B 115 -4.84 5.08 -7.12
C SER B 115 -3.39 4.69 -7.40
C SER B 115 -3.41 4.67 -7.45
C SER B 115 -3.42 4.68 -7.42
N TYR B 116 -3.06 3.44 -7.11
CA TYR B 116 -1.83 2.87 -7.65
C TYR B 116 -1.99 1.37 -7.78
N SER B 117 -1.20 0.82 -8.70
CA SER B 117 -1.05 -0.63 -8.77
CA SER B 117 -1.04 -0.62 -8.90
CA SER B 117 -1.05 -0.62 -8.79
C SER B 117 0.40 -0.97 -8.53
N THR B 118 0.63 -2.11 -7.93
CA THR B 118 1.98 -2.57 -7.69
C THR B 118 2.07 -4.05 -7.96
N THR B 119 3.23 -4.46 -8.48
CA THR B 119 3.47 -5.87 -8.74
C THR B 119 4.92 -6.21 -8.41
N ALA B 120 5.20 -7.49 -8.36
CA ALA B 120 6.55 -7.99 -8.18
C ALA B 120 6.87 -8.90 -9.38
N VAL B 121 8.08 -8.73 -9.90
CA VAL B 121 8.59 -9.58 -10.97
C VAL B 121 9.83 -10.22 -10.37
N VAL B 122 9.76 -11.52 -10.11
CA VAL B 122 10.80 -12.21 -9.34
C VAL B 122 11.32 -13.29 -10.26
N THR B 123 12.62 -13.18 -10.61
CA THR B 123 13.22 -14.05 -11.62
C THR B 123 14.61 -14.53 -11.21
N ASN B 124 15.08 -15.59 -11.88
CA ASN B 124 16.50 -16.06 -11.81
C ASN B 124 17.33 -15.63 -13.01
CL1 PCQ C . -15.52 0.60 -5.33
CL2 PCQ C . -17.04 -3.44 -8.60
O1 PCQ C . -17.41 -1.36 -6.51
C1 PCQ C . -13.52 -1.56 -8.07
C2 PCQ C . -13.86 -0.65 -7.06
C3 PCQ C . -15.16 -0.57 -6.56
C4 PCQ C . -16.14 -1.43 -7.02
C5 PCQ C . -15.83 -2.35 -8.00
C6 PCQ C . -14.53 -2.40 -8.53
CL3 PCQ C . -8.47 -1.13 -7.23
CL4 PCQ C . -10.49 -2.42 -12.12
O1' PCQ C . -8.28 -1.84 -10.16
C1' PCQ C . -12.17 -1.63 -8.60
C2' PCQ C . -11.04 -1.39 -7.80
C3' PCQ C . -9.75 -1.45 -8.32
C4' PCQ C . -9.55 -1.77 -9.65
C5' PCQ C . -10.64 -2.02 -10.47
C6' PCQ C . -11.93 -1.95 -9.95
CL1 PCQ D . 7.00 -1.22 -18.69
CL2 PCQ D . 8.54 -4.12 -14.44
O1 PCQ D . 8.91 -2.73 -17.02
C1 PCQ D . 5.01 -2.53 -15.47
C2 PCQ D . 5.35 -1.93 -16.68
C3 PCQ D . 6.64 -1.99 -17.21
C4 PCQ D . 7.63 -2.66 -16.51
C5 PCQ D . 7.34 -3.27 -15.30
C6 PCQ D . 6.03 -3.19 -14.80
CL3 PCQ D . -0.04 -2.42 -16.39
CL4 PCQ D . 2.01 -2.22 -11.33
O1' PCQ D . -0.23 -2.25 -13.37
C1' PCQ D . 3.67 -2.46 -14.93
C2' PCQ D . 2.55 -2.46 -15.76
C3' PCQ D . 1.25 -2.39 -15.26
C4' PCQ D . 1.03 -2.32 -13.87
C5' PCQ D . 2.14 -2.31 -13.03
C6' PCQ D . 3.43 -2.38 -13.57
#